data_4OV9
#
_entry.id   4OV9
#
_cell.length_a   131.354
_cell.length_b   131.354
_cell.length_c   46.719
_cell.angle_alpha   90.000
_cell.angle_beta   90.000
_cell.angle_gamma   120.000
#
_symmetry.space_group_name_H-M   'P 31 2 1'
#
loop_
_entity.id
_entity.type
_entity.pdbx_description
1 polymer 'isopropylmalate synthase'
2 non-polymer 'ZINC ION'
3 non-polymer '(2S)-2-hydroxy-2-(propan-2-yl)butanedioic acid'
4 water water
#
_entity_poly.entity_id   1
_entity_poly.type   'polypeptide(L)'
_entity_poly.pdbx_seq_one_letter_code
;MGSSHHHHHHSSGLVPRGSHMKPKTIHIQDVTLRDGNQALKRPWTIDEKIEVFDLLVELNVDGIEVGFPSSNETEFHTCQ
VLSKRAPKGKPIAALSRANQNEIAVTWEAIQKADCPRMHIVYPVSDFSIKHVLKISEKEVLQKIRNSISFARSIVGPGIE
IQFSGEHFGDAIENFAFTKEAFLTAIEAGANIINLPNTVERYRPMVFVNMVKEIKDVVKDKAIISIHTHNDLGMATATSV
ESVYVGAEQIEVALNGLGERAGNTNLYETAIALHQNGENLNINFQRIYPTAKRISELTGIPIGEKTPIIGEDIFSHRSGI
HQDGVTKTLHQSKGAYRTFSPEFVGRMDKETISFTNQSGHKAIEFLLHQRGIQVSKEGIHHLFSLAKSISSRENNREITE
AELVALSQSLLTYQ
;
_entity_poly.pdbx_strand_id   A
#
# COMPACT_ATOMS: atom_id res chain seq x y z
N PRO A 23 -9.45 -4.17 -20.76
CA PRO A 23 -9.25 -4.05 -19.32
C PRO A 23 -8.32 -2.89 -18.94
N LYS A 24 -8.54 -2.33 -17.76
CA LYS A 24 -7.69 -1.28 -17.21
C LYS A 24 -6.29 -1.80 -16.90
N THR A 25 -5.27 -1.06 -17.31
CA THR A 25 -3.90 -1.34 -16.88
C THR A 25 -3.68 -0.51 -15.61
N ILE A 26 -3.26 -1.15 -14.51
CA ILE A 26 -3.05 -0.41 -13.25
C ILE A 26 -1.68 -0.68 -12.67
N HIS A 27 -0.84 0.35 -12.65
CA HIS A 27 0.51 0.24 -12.12
C HIS A 27 0.59 0.65 -10.69
N ILE A 28 1.22 -0.21 -9.88
CA ILE A 28 1.43 0.06 -8.47
C ILE A 28 2.84 0.63 -8.33
N GLN A 29 2.91 1.88 -7.88
CA GLN A 29 4.17 2.59 -7.77
C GLN A 29 4.51 2.71 -6.30
N ASP A 30 5.62 2.12 -5.86
CA ASP A 30 5.92 2.19 -4.43
C ASP A 30 6.78 3.38 -4.01
N VAL A 31 6.37 4.06 -2.95
CA VAL A 31 7.13 5.22 -2.48
C VAL A 31 7.62 5.05 -1.05
N THR A 32 7.70 3.79 -0.60
CA THR A 32 8.16 3.48 0.77
C THR A 32 9.56 4.04 1.05
N LEU A 33 10.45 3.99 0.05
CA LEU A 33 11.83 4.41 0.26
C LEU A 33 12.02 5.92 0.26
N ARG A 34 10.96 6.66 -0.07
CA ARG A 34 11.03 8.11 -0.10
C ARG A 34 10.05 8.70 0.92
N ASP A 35 8.77 8.61 0.62
CA ASP A 35 7.73 9.15 1.50
C ASP A 35 7.70 8.41 2.86
N GLY A 36 7.81 7.08 2.81
CA GLY A 36 7.87 6.26 4.02
C GLY A 36 9.11 6.53 4.86
N ASN A 37 10.28 6.43 4.24
CA ASN A 37 11.55 6.60 4.94
C ASN A 37 11.74 7.98 5.59
N GLN A 38 11.33 9.03 4.88
CA GLN A 38 11.47 10.43 5.36
C GLN A 38 10.71 10.73 6.66
N ALA A 39 9.66 9.95 6.93
CA ALA A 39 8.81 10.18 8.11
C ALA A 39 9.17 9.25 9.27
N LEU A 40 10.13 8.37 9.06
CA LEU A 40 10.57 7.40 10.06
C LEU A 40 11.35 8.07 11.19
N LYS A 41 11.12 7.64 12.43
CA LYS A 41 11.88 8.13 13.58
C LYS A 41 13.39 7.91 13.39
N ARG A 42 13.77 6.69 13.03
CA ARG A 42 15.14 6.37 12.66
C ARG A 42 15.15 5.96 11.19
N PRO A 43 15.52 6.89 10.28
CA PRO A 43 15.56 6.54 8.86
C PRO A 43 16.49 5.36 8.60
N TRP A 44 16.28 4.69 7.47
CA TRP A 44 16.99 3.47 7.17
C TRP A 44 18.40 3.72 6.69
N THR A 45 19.30 2.86 7.13
CA THR A 45 20.66 2.77 6.60
C THR A 45 20.61 2.21 5.18
N ILE A 46 21.71 2.29 4.44
CA ILE A 46 21.76 1.77 3.08
C ILE A 46 21.38 0.28 3.01
N ASP A 47 21.87 -0.52 3.95
CA ASP A 47 21.60 -1.95 3.93
C ASP A 47 20.13 -2.28 4.22
N GLU A 48 19.49 -1.46 5.05
CA GLU A 48 18.06 -1.58 5.30
C GLU A 48 17.25 -1.16 4.09
N LYS A 49 17.68 -0.09 3.42
CA LYS A 49 17.04 0.33 2.18
C LYS A 49 17.15 -0.76 1.11
N ILE A 50 18.30 -1.44 1.06
CA ILE A 50 18.55 -2.49 0.07
C ILE A 50 17.60 -3.65 0.32
N GLU A 51 17.49 -4.08 1.58
CA GLU A 51 16.53 -5.11 1.95
C GLU A 51 15.08 -4.74 1.58
N VAL A 52 14.67 -3.50 1.88
CA VAL A 52 13.32 -3.04 1.51
C VAL A 52 13.15 -3.05 -0.01
N PHE A 53 14.16 -2.55 -0.73
CA PHE A 53 14.16 -2.57 -2.18
C PHE A 53 13.94 -3.97 -2.76
N ASP A 54 14.68 -4.95 -2.24
CA ASP A 54 14.56 -6.35 -2.66
C ASP A 54 13.17 -6.93 -2.38
N LEU A 55 12.60 -6.57 -1.23
CA LEU A 55 11.23 -6.95 -0.88
C LEU A 55 10.22 -6.38 -1.86
N LEU A 56 10.41 -5.13 -2.28
CA LEU A 56 9.55 -4.52 -3.30
C LEU A 56 9.66 -5.20 -4.67
N VAL A 57 10.88 -5.53 -5.07
CA VAL A 57 11.13 -6.27 -6.30
C VAL A 57 10.42 -7.62 -6.27
N GLU A 58 10.57 -8.37 -5.18
CA GLU A 58 9.95 -9.69 -5.07
C GLU A 58 8.42 -9.60 -4.95
N LEU A 59 7.93 -8.50 -4.41
CA LEU A 59 6.49 -8.27 -4.33
C LEU A 59 5.93 -7.95 -5.71
N ASN A 60 6.83 -7.58 -6.62
CA ASN A 60 6.52 -7.32 -8.02
C ASN A 60 5.69 -6.05 -8.25
N VAL A 61 6.02 -5.00 -7.50
CA VAL A 61 5.45 -3.68 -7.75
C VAL A 61 5.92 -3.23 -9.13
N ASP A 62 5.20 -2.30 -9.73
CA ASP A 62 5.47 -1.87 -11.09
C ASP A 62 6.53 -0.80 -11.19
N GLY A 63 6.82 -0.14 -10.08
CA GLY A 63 7.88 0.86 -10.05
C GLY A 63 8.20 1.22 -8.62
N ILE A 64 9.40 1.76 -8.42
CA ILE A 64 9.93 2.07 -7.11
C ILE A 64 10.55 3.48 -7.14
N GLU A 65 10.12 4.34 -6.21
CA GLU A 65 10.77 5.63 -5.98
C GLU A 65 11.85 5.35 -4.94
N VAL A 66 13.11 5.61 -5.28
CA VAL A 66 14.20 5.18 -4.41
C VAL A 66 14.64 6.21 -3.37
N GLY A 67 14.24 7.46 -3.57
CA GLY A 67 14.54 8.51 -2.61
C GLY A 67 14.46 9.91 -3.16
N PHE A 68 15.14 10.82 -2.47
CA PHE A 68 15.14 12.25 -2.73
C PHE A 68 16.63 12.60 -2.75
N PRO A 69 17.33 12.30 -3.86
CA PRO A 69 18.81 12.28 -3.80
C PRO A 69 19.52 13.63 -3.55
N SER A 70 18.85 14.74 -3.81
CA SER A 70 19.44 16.06 -3.60
C SER A 70 19.45 16.50 -2.13
N SER A 71 18.82 15.71 -1.25
CA SER A 71 18.71 16.02 0.18
C SER A 71 20.06 16.06 0.89
N ASN A 72 20.86 15.02 0.69
CA ASN A 72 22.19 14.93 1.26
C ASN A 72 23.00 13.89 0.50
N GLU A 73 24.30 13.83 0.78
CA GLU A 73 25.22 12.89 0.14
C GLU A 73 24.86 11.41 0.31
N THR A 74 24.36 11.05 1.49
CA THR A 74 24.04 9.65 1.80
C THR A 74 22.85 9.17 0.98
N GLU A 75 21.82 10.01 0.91
CA GLU A 75 20.64 9.73 0.11
C GLU A 75 21.01 9.66 -1.38
N PHE A 76 21.87 10.59 -1.81
CA PHE A 76 22.38 10.58 -3.17
C PHE A 76 23.02 9.23 -3.51
N HIS A 77 23.95 8.79 -2.67
CA HIS A 77 24.66 7.51 -2.84
C HIS A 77 23.71 6.32 -2.89
N THR A 78 22.76 6.30 -1.97
CA THR A 78 21.76 5.24 -1.89
C THR A 78 20.92 5.14 -3.16
N CYS A 79 20.53 6.29 -3.70
CA CYS A 79 19.78 6.31 -4.95
C CYS A 79 20.61 5.75 -6.12
N GLN A 80 21.91 6.04 -6.13
CA GLN A 80 22.82 5.48 -7.14
C GLN A 80 22.93 3.97 -7.02
N VAL A 81 23.17 3.48 -5.81
CA VAL A 81 23.25 2.05 -5.56
C VAL A 81 21.96 1.36 -5.99
N LEU A 82 20.83 1.90 -5.56
CA LEU A 82 19.55 1.27 -5.89
C LEU A 82 19.25 1.33 -7.39
N SER A 83 19.67 2.41 -8.05
CA SER A 83 19.51 2.51 -9.52
C SER A 83 20.24 1.40 -10.27
N LYS A 84 21.45 1.06 -9.83
CA LYS A 84 22.24 0.05 -10.50
C LYS A 84 21.80 -1.37 -10.15
N ARG A 85 21.17 -1.51 -8.99
CA ARG A 85 20.70 -2.81 -8.50
C ARG A 85 19.38 -3.21 -9.16
N ALA A 86 18.63 -2.22 -9.64
CA ALA A 86 17.28 -2.41 -10.14
C ALA A 86 17.24 -3.38 -11.31
N PRO A 87 16.22 -4.25 -11.37
CA PRO A 87 16.14 -5.10 -12.56
C PRO A 87 15.83 -4.31 -13.83
N LYS A 88 16.21 -4.88 -14.98
CA LYS A 88 15.88 -4.29 -16.28
C LYS A 88 14.38 -4.21 -16.41
N GLY A 89 13.90 -3.14 -17.04
CA GLY A 89 12.46 -2.95 -17.26
C GLY A 89 11.65 -2.41 -16.08
N LYS A 90 12.30 -2.20 -14.94
CA LYS A 90 11.62 -1.70 -13.73
C LYS A 90 11.86 -0.20 -13.53
N PRO A 91 10.80 0.63 -13.66
CA PRO A 91 10.97 2.07 -13.44
C PRO A 91 11.49 2.44 -12.04
N ILE A 92 12.49 3.31 -12.02
CA ILE A 92 13.14 3.76 -10.80
C ILE A 92 13.01 5.28 -10.77
N ALA A 93 12.21 5.76 -9.83
CA ALA A 93 11.93 7.18 -9.72
C ALA A 93 12.75 7.79 -8.61
N ALA A 94 13.04 9.08 -8.75
CA ALA A 94 13.62 9.85 -7.67
C ALA A 94 12.99 11.22 -7.67
N LEU A 95 12.71 11.74 -6.48
CA LEU A 95 12.01 13.01 -6.36
C LEU A 95 12.96 14.21 -6.33
N SER A 96 12.53 15.27 -7.01
CA SER A 96 13.24 16.54 -7.04
C SER A 96 12.24 17.70 -6.98
N ARG A 97 12.65 18.82 -6.42
CA ARG A 97 11.85 20.05 -6.49
C ARG A 97 12.02 20.71 -7.85
N ALA A 98 11.13 21.66 -8.17
CA ALA A 98 11.17 22.37 -9.44
C ALA A 98 12.31 23.40 -9.46
N ASN A 99 13.52 22.90 -9.67
CA ASN A 99 14.74 23.68 -9.53
C ASN A 99 15.86 23.04 -10.35
N GLN A 100 16.50 23.83 -11.21
CA GLN A 100 17.50 23.32 -12.17
C GLN A 100 18.62 22.48 -11.56
N ASN A 101 19.24 22.99 -10.50
CA ASN A 101 20.37 22.28 -9.88
C ASN A 101 19.93 20.97 -9.23
N GLU A 102 18.80 20.99 -8.55
CA GLU A 102 18.24 19.78 -7.97
C GLU A 102 17.86 18.76 -9.04
N ILE A 103 17.20 19.22 -10.10
CA ILE A 103 16.88 18.37 -11.27
C ILE A 103 18.15 17.67 -11.76
N ALA A 104 19.21 18.45 -11.96
CA ALA A 104 20.46 17.90 -12.50
C ALA A 104 21.08 16.85 -11.58
N VAL A 105 21.12 17.13 -10.29
CA VAL A 105 21.61 16.21 -9.27
C VAL A 105 20.78 14.92 -9.28
N THR A 106 19.47 15.07 -9.40
CA THR A 106 18.53 13.94 -9.37
C THR A 106 18.81 13.01 -10.53
N TRP A 107 18.95 13.58 -11.73
CA TRP A 107 19.28 12.80 -12.92
C TRP A 107 20.60 12.10 -12.80
N GLU A 108 21.56 12.76 -12.18
CA GLU A 108 22.87 12.14 -11.95
C GLU A 108 22.76 10.90 -11.05
N ALA A 109 21.86 10.96 -10.05
CA ALA A 109 21.66 9.82 -9.15
C ALA A 109 20.97 8.60 -9.78
N ILE A 110 20.03 8.80 -10.68
CA ILE A 110 19.25 7.67 -11.23
C ILE A 110 19.62 7.28 -12.66
N GLN A 111 20.46 8.10 -13.27
CA GLN A 111 21.02 7.93 -14.61
C GLN A 111 21.30 6.49 -15.04
N LYS A 112 21.87 5.70 -14.13
CA LYS A 112 22.37 4.37 -14.50
C LYS A 112 21.33 3.27 -14.46
N ALA A 113 20.11 3.59 -14.00
CA ALA A 113 19.04 2.61 -13.98
C ALA A 113 18.66 2.28 -15.41
N ASP A 114 18.14 1.07 -15.63
CA ASP A 114 17.62 0.70 -16.94
C ASP A 114 16.48 1.64 -17.36
N CYS A 115 15.53 1.88 -16.45
CA CYS A 115 14.39 2.76 -16.74
C CYS A 115 14.26 3.87 -15.69
N PRO A 116 15.12 4.90 -15.78
CA PRO A 116 15.00 5.96 -14.77
C PRO A 116 13.78 6.83 -15.03
N ARG A 117 13.19 7.32 -13.94
CA ARG A 117 12.02 8.18 -14.02
C ARG A 117 12.26 9.41 -13.14
N MET A 118 12.19 10.58 -13.76
CA MET A 118 12.35 11.86 -13.07
C MET A 118 11.01 12.29 -12.51
N HIS A 119 10.97 12.61 -11.22
CA HIS A 119 9.75 13.02 -10.55
C HIS A 119 9.97 14.39 -9.97
N ILE A 120 9.19 15.35 -10.46
CA ILE A 120 9.30 16.76 -10.07
C ILE A 120 7.98 17.20 -9.45
N VAL A 121 8.08 17.93 -8.35
CA VAL A 121 6.92 18.38 -7.60
C VAL A 121 6.95 19.92 -7.51
N TYR A 122 5.77 20.53 -7.55
CA TYR A 122 5.60 21.95 -7.31
C TYR A 122 4.17 22.17 -6.85
N PRO A 123 3.93 23.14 -5.93
CA PRO A 123 2.56 23.31 -5.41
C PRO A 123 1.60 23.94 -6.41
N VAL A 124 0.33 23.54 -6.34
CA VAL A 124 -0.70 24.08 -7.24
C VAL A 124 -1.98 24.53 -6.54
N SER A 125 -2.06 24.41 -5.22
CA SER A 125 -3.28 24.81 -4.52
C SER A 125 -3.37 26.32 -4.31
N ASP A 126 -4.60 26.81 -4.25
CA ASP A 126 -4.87 28.24 -4.07
C ASP A 126 -4.10 28.77 -2.86
N PHE A 127 -4.21 28.07 -1.74
CA PHE A 127 -3.49 28.45 -0.51
C PHE A 127 -1.99 28.55 -0.76
N SER A 128 -1.39 27.52 -1.37
CA SER A 128 0.06 27.49 -1.64
C SER A 128 0.51 28.67 -2.47
N ILE A 129 -0.22 28.93 -3.56
CA ILE A 129 0.12 30.00 -4.48
C ILE A 129 -0.04 31.36 -3.78
N LYS A 130 -1.15 31.55 -3.07
CA LYS A 130 -1.40 32.81 -2.36
C LYS A 130 -0.47 33.10 -1.18
N HIS A 131 -0.22 32.09 -0.34
CA HIS A 131 0.39 32.35 0.96
C HIS A 131 1.77 31.78 1.17
N VAL A 132 2.16 30.80 0.35
CA VAL A 132 3.48 30.17 0.49
C VAL A 132 4.43 30.68 -0.60
N LEU A 133 4.08 30.42 -1.86
CA LEU A 133 4.89 30.88 -2.98
C LEU A 133 4.76 32.38 -3.16
N LYS A 134 3.54 32.89 -3.00
CA LYS A 134 3.25 34.33 -3.07
C LYS A 134 3.58 34.94 -4.44
N ILE A 135 3.23 34.22 -5.51
CA ILE A 135 3.40 34.68 -6.89
C ILE A 135 2.08 34.50 -7.64
N SER A 136 1.97 35.08 -8.83
CA SER A 136 0.76 34.96 -9.62
C SER A 136 0.66 33.58 -10.29
N GLU A 137 -0.55 33.25 -10.73
CA GLU A 137 -0.81 31.97 -11.40
C GLU A 137 -0.04 31.81 -12.70
N LYS A 138 0.10 32.90 -13.47
CA LYS A 138 0.89 32.87 -14.70
C LYS A 138 2.35 32.55 -14.42
N GLU A 139 2.87 33.03 -13.29
CA GLU A 139 4.23 32.72 -12.84
C GLU A 139 4.41 31.25 -12.44
N VAL A 140 3.40 30.68 -11.77
CA VAL A 140 3.42 29.25 -11.43
C VAL A 140 3.56 28.44 -12.71
N LEU A 141 2.76 28.77 -13.72
CA LEU A 141 2.82 28.08 -15.04
C LEU A 141 4.22 28.15 -15.68
N GLN A 142 4.85 29.33 -15.60
CA GLN A 142 6.25 29.50 -16.02
C GLN A 142 7.21 28.59 -15.25
N LYS A 143 7.08 28.54 -13.93
CA LYS A 143 7.97 27.69 -13.14
C LYS A 143 7.80 26.22 -13.50
N ILE A 144 6.55 25.80 -13.70
CA ILE A 144 6.26 24.44 -14.13
C ILE A 144 6.83 24.13 -15.52
N ARG A 145 6.55 24.99 -16.49
CA ARG A 145 7.08 24.82 -17.84
C ARG A 145 8.61 24.75 -17.82
N ASN A 146 9.25 25.72 -17.17
CA ASN A 146 10.72 25.81 -17.15
C ASN A 146 11.42 24.60 -16.55
N SER A 147 10.94 24.14 -15.40
CA SER A 147 11.56 22.99 -14.74
C SER A 147 11.35 21.68 -15.51
N ILE A 148 10.13 21.44 -16.00
CA ILE A 148 9.87 20.22 -16.80
C ILE A 148 10.64 20.25 -18.12
N SER A 149 10.60 21.40 -18.79
CA SER A 149 11.33 21.60 -20.04
C SER A 149 12.83 21.38 -19.84
N PHE A 150 13.37 21.93 -18.75
CA PHE A 150 14.77 21.72 -18.38
C PHE A 150 15.06 20.25 -18.11
N ALA A 151 14.19 19.59 -17.34
CA ALA A 151 14.36 18.15 -17.10
C ALA A 151 14.44 17.38 -18.42
N ARG A 152 13.50 17.65 -19.33
CA ARG A 152 13.49 16.99 -20.63
C ARG A 152 14.79 17.21 -21.39
N SER A 153 15.36 18.42 -21.27
CA SER A 153 16.57 18.79 -21.99
C SER A 153 17.79 18.03 -21.46
N ILE A 154 17.77 17.60 -20.21
CA ILE A 154 18.91 16.82 -19.71
C ILE A 154 18.72 15.30 -19.74
N VAL A 155 17.49 14.81 -19.61
CA VAL A 155 17.26 13.36 -19.60
C VAL A 155 17.17 12.76 -21.02
N GLY A 156 16.83 13.59 -22.00
CA GLY A 156 16.64 13.10 -23.36
C GLY A 156 15.24 12.59 -23.63
N PRO A 157 14.92 12.25 -24.90
CA PRO A 157 13.56 11.95 -25.36
C PRO A 157 12.85 10.74 -24.73
N GLY A 158 13.55 9.65 -24.46
CA GLY A 158 12.84 8.41 -24.05
C GLY A 158 12.39 8.31 -22.59
N ILE A 159 12.93 9.16 -21.73
CA ILE A 159 12.84 9.04 -20.28
C ILE A 159 11.51 9.56 -19.74
N GLU A 160 10.87 8.78 -18.86
CA GLU A 160 9.63 9.19 -18.23
C GLU A 160 9.84 10.35 -17.27
N ILE A 161 9.00 11.37 -17.42
CA ILE A 161 8.97 12.48 -16.48
C ILE A 161 7.61 12.52 -15.80
N GLN A 162 7.63 12.53 -14.47
CA GLN A 162 6.40 12.65 -13.69
C GLN A 162 6.35 14.02 -13.02
N PHE A 163 5.21 14.69 -13.18
CA PHE A 163 4.97 15.93 -12.47
C PHE A 163 3.85 15.78 -11.44
N SER A 164 4.14 16.14 -10.19
CA SER A 164 3.13 16.20 -9.12
C SER A 164 2.79 17.63 -8.80
N GLY A 165 1.50 17.92 -8.73
CA GLY A 165 1.05 19.23 -8.26
C GLY A 165 0.74 19.10 -6.80
N GLU A 166 1.67 19.54 -5.95
CA GLU A 166 1.52 19.36 -4.50
C GLU A 166 0.29 20.09 -3.99
N HIS A 167 -0.43 19.45 -3.07
CA HIS A 167 -1.68 19.98 -2.50
C HIS A 167 -2.81 20.06 -3.51
N PHE A 168 -2.71 19.26 -4.57
CA PHE A 168 -3.77 19.20 -5.56
C PHE A 168 -5.14 18.95 -4.91
N GLY A 169 -5.17 18.06 -3.92
CA GLY A 169 -6.38 17.76 -3.15
C GLY A 169 -7.07 18.95 -2.49
N ASP A 170 -6.30 20.01 -2.21
CA ASP A 170 -6.84 21.27 -1.65
C ASP A 170 -7.01 22.40 -2.69
N ALA A 171 -6.83 22.09 -3.97
CA ALA A 171 -7.03 23.10 -5.02
C ALA A 171 -8.51 23.23 -5.37
N ILE A 172 -9.31 23.59 -4.37
CA ILE A 172 -10.76 23.66 -4.54
C ILE A 172 -11.14 24.94 -5.28
N GLU A 173 -10.77 26.08 -4.68
CA GLU A 173 -11.15 27.39 -5.19
C GLU A 173 -10.43 27.77 -6.47
N ASN A 174 -9.25 27.20 -6.71
CA ASN A 174 -8.54 27.45 -7.96
C ASN A 174 -8.49 26.21 -8.86
N PHE A 175 -9.54 25.40 -8.84
CA PHE A 175 -9.48 24.13 -9.58
C PHE A 175 -9.23 24.26 -11.07
N ALA A 176 -9.86 25.23 -11.73
CA ALA A 176 -9.66 25.43 -13.17
C ALA A 176 -8.19 25.73 -13.51
N PHE A 177 -7.51 26.49 -12.66
CA PHE A 177 -6.08 26.75 -12.84
C PHE A 177 -5.25 25.47 -12.88
N THR A 178 -5.61 24.54 -12.00
CA THR A 178 -5.00 23.22 -11.90
C THR A 178 -4.96 22.49 -13.26
N LYS A 179 -6.04 22.59 -14.03
CA LYS A 179 -6.12 22.01 -15.37
C LYS A 179 -5.05 22.61 -16.28
N GLU A 180 -4.84 23.93 -16.17
CA GLU A 180 -3.85 24.60 -17.01
C GLU A 180 -2.44 24.25 -16.58
N ALA A 181 -2.22 24.12 -15.27
CA ALA A 181 -0.93 23.69 -14.72
C ALA A 181 -0.49 22.33 -15.25
N PHE A 182 -1.43 21.38 -15.30
CA PHE A 182 -1.11 20.02 -15.75
C PHE A 182 -0.92 19.93 -17.26
N LEU A 183 -1.73 20.68 -18.02
CA LEU A 183 -1.55 20.73 -19.48
C LEU A 183 -0.25 21.42 -19.83
N THR A 184 0.12 22.43 -19.04
CA THR A 184 1.42 23.09 -19.18
C THR A 184 2.57 22.08 -18.96
N ALA A 185 2.47 21.28 -17.90
CA ALA A 185 3.49 20.28 -17.58
C ALA A 185 3.61 19.25 -18.69
N ILE A 186 2.47 18.82 -19.23
CA ILE A 186 2.42 17.87 -20.34
C ILE A 186 3.07 18.47 -21.61
N GLU A 187 2.69 19.70 -21.95
CA GLU A 187 3.27 20.39 -23.11
C GLU A 187 4.79 20.51 -22.99
N ALA A 188 5.29 20.71 -21.77
CA ALA A 188 6.73 20.83 -21.51
C ALA A 188 7.49 19.49 -21.51
N GLY A 189 6.76 18.37 -21.48
CA GLY A 189 7.40 17.06 -21.56
C GLY A 189 7.02 16.00 -20.53
N ALA A 190 6.06 16.31 -19.65
CA ALA A 190 5.66 15.34 -18.63
C ALA A 190 4.82 14.23 -19.25
N ASN A 191 5.18 12.99 -18.93
CA ASN A 191 4.49 11.80 -19.43
C ASN A 191 3.49 11.30 -18.40
N ILE A 192 3.73 11.65 -17.13
CA ILE A 192 2.86 11.27 -16.03
C ILE A 192 2.47 12.50 -15.22
N ILE A 193 1.17 12.64 -14.98
CA ILE A 193 0.63 13.69 -14.12
C ILE A 193 0.21 13.00 -12.82
N ASN A 194 0.86 13.36 -11.72
CA ASN A 194 0.58 12.76 -10.42
C ASN A 194 -0.25 13.74 -9.60
N LEU A 195 -1.37 13.27 -9.06
CA LEU A 195 -2.30 14.11 -8.35
C LEU A 195 -2.34 13.72 -6.88
N PRO A 196 -1.62 14.47 -6.04
CA PRO A 196 -1.56 14.11 -4.63
C PRO A 196 -2.68 14.69 -3.77
N ASN A 197 -3.20 13.86 -2.88
CA ASN A 197 -3.99 14.32 -1.76
C ASN A 197 -3.01 14.41 -0.59
N THR A 198 -2.18 15.46 -0.65
CA THR A 198 -1.05 15.67 0.25
C THR A 198 -1.47 15.65 1.71
N VAL A 199 -2.58 16.32 2.01
CA VAL A 199 -3.22 16.26 3.32
C VAL A 199 -4.66 15.87 3.05
N GLU A 200 -5.12 14.78 3.65
CA GLU A 200 -6.50 14.33 3.46
C GLU A 200 -7.44 15.23 4.26
N ARG A 201 -8.31 15.97 3.57
CA ARG A 201 -9.14 17.00 4.23
C ARG A 201 -10.65 16.81 4.04
N TYR A 202 -11.06 16.25 2.91
CA TYR A 202 -12.49 16.14 2.63
C TYR A 202 -12.98 14.69 2.59
N ARG A 203 -13.41 14.21 1.43
CA ARG A 203 -13.89 12.84 1.32
C ARG A 203 -13.51 12.33 -0.04
N PRO A 204 -13.47 10.99 -0.22
CA PRO A 204 -13.02 10.41 -1.47
C PRO A 204 -13.64 11.05 -2.71
N MET A 205 -14.96 11.20 -2.75
CA MET A 205 -15.62 11.64 -3.98
C MET A 205 -15.39 13.10 -4.36
N VAL A 206 -14.97 13.92 -3.40
CA VAL A 206 -14.52 15.27 -3.72
C VAL A 206 -13.21 15.17 -4.53
N PHE A 207 -12.26 14.37 -4.02
CA PHE A 207 -11.00 14.14 -4.71
C PHE A 207 -11.19 13.44 -6.06
N VAL A 208 -11.99 12.37 -6.05
CA VAL A 208 -12.27 11.60 -7.25
C VAL A 208 -12.97 12.40 -8.35
N ASN A 209 -13.89 13.29 -8.01
CA ASN A 209 -14.48 14.18 -9.01
C ASN A 209 -13.44 15.10 -9.65
N MET A 210 -12.47 15.54 -8.84
CA MET A 210 -11.35 16.33 -9.35
C MET A 210 -10.43 15.53 -10.28
N VAL A 211 -10.12 14.28 -9.92
CA VAL A 211 -9.36 13.38 -10.80
C VAL A 211 -10.05 13.18 -12.15
N LYS A 212 -11.37 12.97 -12.12
CA LYS A 212 -12.18 12.78 -13.31
C LYS A 212 -12.10 13.97 -14.27
N GLU A 213 -12.21 15.18 -13.74
CA GLU A 213 -12.14 16.40 -14.55
C GLU A 213 -10.76 16.59 -15.17
N ILE A 214 -9.70 16.26 -14.42
CA ILE A 214 -8.35 16.30 -14.98
C ILE A 214 -8.26 15.26 -16.10
N LYS A 215 -8.73 14.05 -15.81
CA LYS A 215 -8.79 12.99 -16.79
C LYS A 215 -9.45 13.49 -18.07
N ASP A 216 -10.59 14.16 -17.93
CA ASP A 216 -11.35 14.66 -19.07
C ASP A 216 -10.56 15.63 -19.98
N VAL A 217 -9.65 16.42 -19.42
CA VAL A 217 -8.83 17.34 -20.23
C VAL A 217 -7.50 16.73 -20.68
N VAL A 218 -6.97 15.82 -19.86
CA VAL A 218 -5.71 15.17 -20.18
C VAL A 218 -5.91 14.13 -21.30
N LYS A 219 -7.00 13.38 -21.23
CA LYS A 219 -7.28 12.27 -22.17
C LYS A 219 -6.10 11.28 -22.23
N ASP A 220 -5.54 11.07 -23.43
CA ASP A 220 -4.42 10.14 -23.62
C ASP A 220 -3.05 10.83 -23.73
N LYS A 221 -2.96 12.11 -23.37
CA LYS A 221 -1.69 12.81 -23.48
C LYS A 221 -0.67 12.43 -22.41
N ALA A 222 -1.16 11.83 -21.31
CA ALA A 222 -0.34 11.48 -20.16
C ALA A 222 -1.04 10.45 -19.28
N ILE A 223 -0.26 9.69 -18.53
CA ILE A 223 -0.80 8.79 -17.52
C ILE A 223 -1.22 9.62 -16.31
N ILE A 224 -2.38 9.31 -15.74
CA ILE A 224 -2.83 9.90 -14.49
C ILE A 224 -2.45 8.98 -13.33
N SER A 225 -1.69 9.55 -12.40
CA SER A 225 -1.25 8.86 -11.20
C SER A 225 -1.84 9.53 -9.98
N ILE A 226 -2.08 8.75 -8.93
CA ILE A 226 -2.73 9.22 -7.71
C ILE A 226 -1.82 8.94 -6.52
N HIS A 227 -1.77 9.89 -5.59
CA HIS A 227 -0.90 9.81 -4.41
C HIS A 227 -1.65 10.36 -3.22
N THR A 228 -2.19 9.51 -2.36
CA THR A 228 -3.05 10.00 -1.27
C THR A 228 -2.47 9.73 0.10
N HIS A 229 -2.73 10.62 1.05
CA HIS A 229 -2.35 10.39 2.44
C HIS A 229 -3.57 10.07 3.27
N ASN A 230 -3.35 9.61 4.51
CA ASN A 230 -4.38 8.91 5.28
C ASN A 230 -4.89 9.64 6.54
N ASP A 231 -4.91 10.97 6.52
CA ASP A 231 -5.25 11.77 7.71
C ASP A 231 -6.65 11.49 8.28
N LEU A 232 -7.60 11.17 7.40
CA LEU A 232 -8.98 10.87 7.79
C LEU A 232 -9.32 9.40 7.58
N GLY A 233 -8.29 8.57 7.42
CA GLY A 233 -8.48 7.13 7.21
C GLY A 233 -9.14 6.70 5.91
N MET A 234 -9.11 7.55 4.87
CA MET A 234 -9.75 7.20 3.60
C MET A 234 -8.81 7.16 2.40
N ALA A 235 -7.50 7.01 2.65
CA ALA A 235 -6.52 6.96 1.54
C ALA A 235 -6.78 5.79 0.58
N THR A 236 -7.01 4.58 1.12
CA THR A 236 -7.25 3.40 0.29
C THR A 236 -8.45 3.57 -0.63
N ALA A 237 -9.57 4.02 -0.05
CA ALA A 237 -10.79 4.22 -0.84
C ALA A 237 -10.64 5.31 -1.88
N THR A 238 -9.90 6.36 -1.53
CA THR A 238 -9.63 7.44 -2.46
C THR A 238 -8.82 6.94 -3.67
N SER A 239 -7.77 6.17 -3.42
CA SER A 239 -6.94 5.61 -4.50
C SER A 239 -7.71 4.62 -5.35
N VAL A 240 -8.42 3.70 -4.68
CA VAL A 240 -9.24 2.71 -5.36
C VAL A 240 -10.29 3.37 -6.25
N GLU A 241 -11.06 4.30 -5.71
CA GLU A 241 -12.11 4.94 -6.50
C GLU A 241 -11.55 5.76 -7.66
N SER A 242 -10.34 6.27 -7.52
CA SER A 242 -9.70 7.05 -8.59
C SER A 242 -9.44 6.24 -9.86
N VAL A 243 -9.18 4.95 -9.70
CA VAL A 243 -8.98 4.05 -10.83
C VAL A 243 -10.21 4.07 -11.74
N TYR A 244 -11.39 4.27 -11.17
CA TYR A 244 -12.64 4.13 -11.91
C TYR A 244 -13.07 5.40 -12.62
N VAL A 245 -12.23 6.43 -12.54
CA VAL A 245 -12.39 7.62 -13.38
C VAL A 245 -11.14 7.86 -14.25
N GLY A 246 -10.26 6.87 -14.31
CA GLY A 246 -9.16 6.88 -15.29
C GLY A 246 -7.75 6.93 -14.77
N ALA A 247 -7.56 6.92 -13.46
CA ALA A 247 -6.21 6.82 -12.89
C ALA A 247 -5.59 5.48 -13.27
N GLU A 248 -4.36 5.51 -13.77
CA GLU A 248 -3.68 4.27 -14.17
C GLU A 248 -2.44 3.92 -13.32
N GLN A 249 -2.02 4.84 -12.46
CA GLN A 249 -0.93 4.57 -11.51
C GLN A 249 -1.33 5.01 -10.10
N ILE A 250 -1.02 4.17 -9.12
CA ILE A 250 -1.32 4.46 -7.73
C ILE A 250 -0.04 4.40 -6.92
N GLU A 251 0.27 5.49 -6.22
CA GLU A 251 1.45 5.54 -5.37
C GLU A 251 1.08 5.09 -3.96
N VAL A 252 1.84 4.13 -3.45
CA VAL A 252 1.52 3.46 -2.19
C VAL A 252 2.79 3.22 -1.41
N ALA A 253 2.62 2.81 -0.14
CA ALA A 253 3.75 2.47 0.71
C ALA A 253 3.43 1.17 1.44
N LEU A 254 4.48 0.41 1.73
CA LEU A 254 4.37 -0.80 2.55
C LEU A 254 3.92 -0.42 3.97
N ASN A 255 3.03 -1.23 4.55
CA ASN A 255 2.56 -1.05 5.93
C ASN A 255 1.95 0.33 6.23
N GLY A 256 1.54 1.04 5.19
CA GLY A 256 0.97 2.39 5.38
C GLY A 256 1.95 3.39 5.97
N LEU A 257 3.24 3.20 5.68
CA LEU A 257 4.27 4.14 6.07
C LEU A 257 4.09 5.46 5.32
N GLY A 258 4.81 6.50 5.72
CA GLY A 258 4.71 7.80 5.06
C GLY A 258 4.33 8.93 5.99
N GLU A 259 4.28 10.14 5.45
CA GLU A 259 3.94 11.34 6.23
C GLU A 259 2.68 11.20 7.09
N ARG A 260 2.84 11.51 8.37
CA ARG A 260 1.75 11.60 9.36
C ARG A 260 1.03 10.27 9.58
N ALA A 261 -0.22 10.16 9.15
CA ALA A 261 -0.94 8.89 9.24
C ALA A 261 -0.50 7.89 8.15
N GLY A 262 0.27 8.37 7.18
CA GLY A 262 0.89 7.52 6.18
C GLY A 262 0.35 7.71 4.76
N ASN A 263 1.01 7.06 3.82
CA ASN A 263 0.51 6.94 2.45
C ASN A 263 -0.51 5.82 2.35
N THR A 264 -1.26 5.81 1.26
CA THR A 264 -2.08 4.68 0.86
C THR A 264 -1.36 3.36 1.12
N ASN A 265 -2.03 2.48 1.85
CA ASN A 265 -1.49 1.17 2.19
C ASN A 265 -1.44 0.27 0.96
N LEU A 266 -0.25 -0.23 0.62
CA LEU A 266 -0.09 -1.11 -0.56
C LEU A 266 -1.01 -2.34 -0.51
N TYR A 267 -1.02 -3.03 0.63
CA TYR A 267 -1.74 -4.30 0.75
C TYR A 267 -3.25 -4.14 0.58
N GLU A 268 -3.81 -3.12 1.22
CA GLU A 268 -5.25 -2.86 1.13
C GLU A 268 -5.68 -2.53 -0.28
N THR A 269 -4.89 -1.68 -0.94
CA THR A 269 -5.21 -1.20 -2.29
C THR A 269 -5.12 -2.35 -3.28
N ALA A 270 -4.01 -3.10 -3.21
CA ALA A 270 -3.78 -4.24 -4.07
C ALA A 270 -4.91 -5.25 -4.00
N ILE A 271 -5.25 -5.66 -2.78
CA ILE A 271 -6.30 -6.65 -2.55
C ILE A 271 -7.66 -6.10 -2.99
N ALA A 272 -7.96 -4.85 -2.62
CA ALA A 272 -9.23 -4.23 -3.01
C ALA A 272 -9.41 -4.27 -4.52
N LEU A 273 -8.38 -3.89 -5.25
CA LEU A 273 -8.45 -3.87 -6.72
C LEU A 273 -8.60 -5.28 -7.31
N HIS A 274 -7.86 -6.24 -6.78
CA HIS A 274 -7.99 -7.63 -7.18
C HIS A 274 -9.39 -8.14 -6.93
N GLN A 275 -9.93 -7.88 -5.74
CA GLN A 275 -11.31 -8.26 -5.41
C GLN A 275 -12.34 -7.61 -6.32
N ASN A 276 -12.07 -6.41 -6.84
CA ASN A 276 -12.98 -5.81 -7.83
C ASN A 276 -12.75 -6.28 -9.26
N GLY A 277 -11.91 -7.29 -9.43
CA GLY A 277 -11.69 -7.90 -10.74
C GLY A 277 -10.65 -7.22 -11.61
N GLU A 278 -9.79 -6.40 -11.01
CA GLU A 278 -8.71 -5.76 -11.75
C GLU A 278 -7.46 -6.64 -11.84
N ASN A 279 -6.68 -6.46 -12.90
CA ASN A 279 -5.43 -7.17 -13.10
C ASN A 279 -4.27 -6.38 -12.53
N LEU A 280 -3.58 -6.97 -11.55
CA LEU A 280 -2.39 -6.37 -10.98
C LEU A 280 -1.27 -7.39 -11.07
N ASN A 281 -0.04 -6.88 -11.13
CA ASN A 281 1.15 -7.73 -11.22
C ASN A 281 1.68 -8.19 -9.87
N ILE A 282 1.16 -7.60 -8.79
CA ILE A 282 1.58 -7.90 -7.41
C ILE A 282 1.53 -9.40 -7.08
N ASN A 283 2.59 -9.88 -6.44
CA ASN A 283 2.60 -11.20 -5.86
C ASN A 283 1.90 -11.17 -4.49
N PHE A 284 0.58 -11.39 -4.51
CA PHE A 284 -0.25 -11.26 -3.30
C PHE A 284 0.16 -12.16 -2.15
N GLN A 285 0.75 -13.31 -2.49
CA GLN A 285 1.14 -14.29 -1.48
C GLN A 285 2.42 -13.89 -0.73
N ARG A 286 3.04 -12.80 -1.16
CA ARG A 286 4.20 -12.24 -0.47
C ARG A 286 3.82 -11.15 0.53
N ILE A 287 2.56 -10.74 0.52
CA ILE A 287 2.09 -9.60 1.34
C ILE A 287 2.40 -9.77 2.82
N TYR A 288 2.00 -10.91 3.40
CA TYR A 288 2.14 -11.06 4.85
C TYR A 288 3.61 -11.18 5.32
N PRO A 289 4.42 -12.04 4.67
CA PRO A 289 5.84 -12.08 5.05
C PRO A 289 6.56 -10.74 4.79
N THR A 290 6.16 -10.00 3.77
CA THR A 290 6.76 -8.69 3.54
C THR A 290 6.39 -7.75 4.68
N ALA A 291 5.11 -7.71 5.04
CA ALA A 291 4.62 -6.79 6.07
C ALA A 291 5.24 -7.08 7.43
N LYS A 292 5.43 -8.35 7.71
CA LYS A 292 6.06 -8.79 8.96
C LYS A 292 7.50 -8.26 9.05
N ARG A 293 8.27 -8.39 7.98
CA ARG A 293 9.65 -7.92 7.94
C ARG A 293 9.74 -6.38 7.96
N ILE A 294 8.85 -5.70 7.25
CA ILE A 294 8.80 -4.24 7.31
C ILE A 294 8.56 -3.75 8.75
N SER A 295 7.64 -4.42 9.43
CA SER A 295 7.38 -4.18 10.85
C SER A 295 8.64 -4.30 11.73
N GLU A 296 9.46 -5.33 11.47
CA GLU A 296 10.72 -5.50 12.20
C GLU A 296 11.70 -4.35 11.90
N LEU A 297 11.74 -3.91 10.65
CA LEU A 297 12.70 -2.89 10.22
C LEU A 297 12.32 -1.48 10.67
N THR A 298 11.04 -1.26 10.95
CA THR A 298 10.58 0.05 11.39
C THR A 298 10.36 0.09 12.90
N GLY A 299 10.24 -1.07 13.51
CA GLY A 299 9.89 -1.18 14.93
C GLY A 299 8.43 -0.86 15.21
N ILE A 300 7.61 -0.71 14.16
CA ILE A 300 6.18 -0.42 14.30
C ILE A 300 5.38 -1.73 14.21
N PRO A 301 4.71 -2.13 15.32
CA PRO A 301 3.95 -3.37 15.34
C PRO A 301 2.81 -3.35 14.35
N ILE A 302 2.40 -4.52 13.87
CA ILE A 302 1.19 -4.65 13.09
C ILE A 302 0.01 -4.79 14.07
N GLY A 303 -0.89 -3.81 14.09
CA GLY A 303 -2.08 -3.89 14.95
C GLY A 303 -2.87 -5.15 14.65
N GLU A 304 -3.39 -5.80 15.68
CA GLU A 304 -4.07 -7.10 15.51
C GLU A 304 -5.38 -7.02 14.70
N LYS A 305 -5.92 -5.81 14.54
CA LYS A 305 -7.14 -5.60 13.74
C LYS A 305 -6.87 -4.90 12.38
N THR A 306 -5.60 -4.65 12.07
CA THR A 306 -5.24 -4.09 10.76
C THR A 306 -5.78 -4.99 9.64
N PRO A 307 -6.49 -4.41 8.66
CA PRO A 307 -6.94 -5.18 7.51
C PRO A 307 -5.80 -5.96 6.84
N ILE A 308 -6.13 -7.14 6.31
CA ILE A 308 -5.23 -8.02 5.54
C ILE A 308 -4.23 -8.79 6.40
N ILE A 309 -3.48 -8.07 7.24
CA ILE A 309 -2.29 -8.61 7.88
C ILE A 309 -2.40 -8.67 9.41
N GLY A 310 -3.46 -8.07 9.95
CA GLY A 310 -3.68 -8.06 11.39
C GLY A 310 -3.82 -9.48 11.92
N GLU A 311 -3.19 -9.75 13.06
CA GLU A 311 -3.17 -11.08 13.68
C GLU A 311 -4.56 -11.67 13.93
N ASP A 312 -5.52 -10.83 14.29
CA ASP A 312 -6.80 -11.35 14.79
C ASP A 312 -7.98 -11.25 13.82
N ILE A 313 -7.72 -10.84 12.57
CA ILE A 313 -8.81 -10.53 11.62
C ILE A 313 -9.54 -11.73 11.05
N PHE A 314 -8.98 -12.93 11.24
CA PHE A 314 -9.63 -14.13 10.74
C PHE A 314 -10.36 -14.91 11.82
N SER A 315 -10.45 -14.32 13.00
CA SER A 315 -11.24 -14.91 14.09
C SER A 315 -12.73 -14.70 13.86
N HIS A 316 -13.51 -15.74 14.14
CA HIS A 316 -14.96 -15.65 14.17
C HIS A 316 -15.41 -16.22 15.49
N ARG A 317 -15.17 -15.47 16.55
CA ARG A 317 -15.43 -15.96 17.92
C ARG A 317 -16.78 -15.52 18.50
N SER A 318 -17.53 -14.70 17.78
CA SER A 318 -18.90 -14.41 18.16
C SER A 318 -19.69 -15.70 18.04
N GLY A 319 -20.57 -15.97 19.00
CA GLY A 319 -21.28 -17.25 19.02
C GLY A 319 -20.74 -18.22 20.05
N ILE A 320 -19.56 -17.92 20.59
CA ILE A 320 -19.07 -18.59 21.81
C ILE A 320 -19.95 -18.10 22.98
N HIS A 321 -20.58 -16.96 22.79
CA HIS A 321 -21.54 -16.38 23.74
C HIS A 321 -22.88 -17.05 23.66
N GLN A 322 -23.03 -17.97 22.70
CA GLN A 322 -24.26 -18.71 22.40
C GLN A 322 -25.22 -17.88 21.55
N THR A 328 -21.51 -23.15 12.67
CA THR A 328 -20.25 -23.87 12.58
C THR A 328 -19.12 -22.97 12.06
N LEU A 329 -17.89 -23.43 12.26
CA LEU A 329 -16.71 -22.73 11.78
C LEU A 329 -16.63 -22.68 10.24
N HIS A 330 -17.03 -23.78 9.60
CA HIS A 330 -17.03 -23.85 8.13
C HIS A 330 -17.96 -22.85 7.50
N GLN A 331 -19.12 -22.64 8.13
CA GLN A 331 -20.08 -21.65 7.67
C GLN A 331 -19.54 -20.22 7.83
N SER A 332 -18.94 -19.94 8.99
CA SER A 332 -18.31 -18.64 9.25
C SER A 332 -17.21 -18.31 8.24
N LYS A 333 -16.31 -19.25 8.00
CA LYS A 333 -15.22 -19.08 7.04
C LYS A 333 -15.74 -18.87 5.60
N GLY A 334 -16.84 -19.56 5.27
CA GLY A 334 -17.46 -19.43 3.97
C GLY A 334 -18.12 -18.07 3.76
N ALA A 335 -19.02 -17.72 4.67
CA ALA A 335 -19.87 -16.54 4.51
C ALA A 335 -19.27 -15.21 5.00
N TYR A 336 -18.22 -15.28 5.81
CA TYR A 336 -17.70 -14.08 6.50
C TYR A 336 -16.23 -13.76 6.24
N ARG A 337 -15.73 -14.14 5.07
CA ARG A 337 -14.35 -13.83 4.70
C ARG A 337 -14.27 -13.27 3.29
N THR A 338 -13.63 -12.12 3.14
CA THR A 338 -13.44 -11.53 1.81
C THR A 338 -12.50 -12.39 0.96
N PHE A 339 -11.46 -12.93 1.58
CA PHE A 339 -10.47 -13.77 0.89
C PHE A 339 -9.91 -14.73 1.94
N SER A 340 -9.19 -15.76 1.51
CA SER A 340 -8.63 -16.74 2.43
C SER A 340 -7.30 -16.23 2.99
N PRO A 341 -6.90 -16.67 4.21
CA PRO A 341 -5.63 -16.19 4.74
C PRO A 341 -4.41 -16.59 3.91
N GLU A 342 -4.47 -17.77 3.28
CA GLU A 342 -3.35 -18.27 2.47
C GLU A 342 -3.10 -17.40 1.24
N PHE A 343 -4.13 -16.68 0.79
CA PHE A 343 -4.02 -15.81 -0.38
C PHE A 343 -3.00 -14.70 -0.20
N VAL A 344 -2.81 -14.29 1.05
CA VAL A 344 -1.84 -13.23 1.35
C VAL A 344 -0.62 -13.80 2.05
N GLY A 345 -0.52 -15.14 2.07
CA GLY A 345 0.65 -15.82 2.61
C GLY A 345 0.62 -16.08 4.10
N ARG A 346 -0.58 -16.07 4.69
CA ARG A 346 -0.74 -16.46 6.10
C ARG A 346 -1.20 -17.91 6.21
N MET A 347 -0.86 -18.55 7.31
CA MET A 347 -1.45 -19.84 7.67
C MET A 347 -2.81 -19.60 8.35
N ASP A 348 -3.78 -20.46 8.08
CA ASP A 348 -5.08 -20.38 8.76
C ASP A 348 -4.98 -21.02 10.15
N LYS A 349 -5.12 -20.20 11.19
CA LYS A 349 -5.15 -20.69 12.58
C LYS A 349 -6.47 -21.40 12.86
N GLU A 350 -7.56 -20.65 12.67
CA GLU A 350 -8.93 -21.04 13.04
C GLU A 350 -9.31 -22.52 12.85
N THR A 351 -9.13 -23.29 13.92
CA THR A 351 -9.53 -24.70 13.99
C THR A 351 -10.21 -24.99 15.32
N ILE A 352 -10.98 -26.08 15.36
CA ILE A 352 -11.69 -26.49 16.58
C ILE A 352 -10.79 -27.36 17.47
N SER A 353 -11.00 -27.28 18.78
CA SER A 353 -10.29 -28.12 19.74
C SER A 353 -11.24 -28.79 20.73
N PHE A 354 -10.82 -29.93 21.27
CA PHE A 354 -11.63 -30.68 22.22
C PHE A 354 -11.50 -30.17 23.66
N THR A 355 -10.50 -29.33 23.91
CA THR A 355 -10.19 -28.85 25.27
C THR A 355 -10.14 -27.32 25.41
N ASN A 356 -10.83 -26.61 24.52
CA ASN A 356 -10.66 -25.16 24.42
C ASN A 356 -11.84 -24.28 24.88
N GLN A 357 -12.73 -24.85 25.70
CA GLN A 357 -13.99 -24.18 26.12
C GLN A 357 -14.91 -23.92 24.93
N SER A 358 -16.07 -24.58 24.96
CA SER A 358 -16.98 -24.75 23.80
C SER A 358 -16.63 -26.04 23.05
N GLY A 359 -15.59 -26.73 23.51
CA GLY A 359 -15.22 -28.05 23.00
C GLY A 359 -16.25 -29.12 23.35
N HIS A 360 -17.32 -28.69 24.03
CA HIS A 360 -18.50 -29.52 24.27
C HIS A 360 -19.20 -29.78 22.97
N LYS A 361 -19.26 -28.74 22.13
CA LYS A 361 -19.82 -28.83 20.78
C LYS A 361 -18.96 -29.71 19.88
N ALA A 362 -17.64 -29.62 20.06
CA ALA A 362 -16.67 -30.41 19.30
C ALA A 362 -16.77 -31.91 19.59
N ILE A 363 -16.85 -32.25 20.88
CA ILE A 363 -17.01 -33.65 21.32
C ILE A 363 -18.37 -34.21 20.88
N GLU A 364 -19.43 -33.43 21.05
CA GLU A 364 -20.77 -33.82 20.63
C GLU A 364 -20.79 -34.15 19.14
N PHE A 365 -20.26 -33.23 18.33
CA PHE A 365 -20.18 -33.41 16.87
C PHE A 365 -19.38 -34.66 16.51
N LEU A 366 -18.24 -34.86 17.18
CA LEU A 366 -17.43 -36.07 16.98
C LEU A 366 -18.21 -37.35 17.23
N LEU A 367 -18.91 -37.38 18.38
CA LEU A 367 -19.69 -38.55 18.80
C LEU A 367 -20.87 -38.81 17.87
N HIS A 368 -21.47 -37.73 17.38
CA HIS A 368 -22.51 -37.81 16.36
C HIS A 368 -21.98 -38.47 15.10
N GLN A 369 -20.78 -38.08 14.67
CA GLN A 369 -20.13 -38.65 13.46
C GLN A 369 -19.90 -40.15 13.56
N ARG A 370 -19.38 -40.61 14.70
CA ARG A 370 -19.07 -42.02 14.90
C ARG A 370 -20.30 -42.86 15.27
N GLY A 371 -21.45 -42.20 15.39
CA GLY A 371 -22.71 -42.86 15.74
C GLY A 371 -22.79 -43.31 17.19
N ILE A 372 -22.02 -42.66 18.07
CA ILE A 372 -21.99 -42.99 19.50
C ILE A 372 -22.99 -42.11 20.24
N GLN A 373 -23.95 -42.74 20.92
CA GLN A 373 -24.97 -42.03 21.68
C GLN A 373 -24.51 -41.73 23.11
N VAL A 374 -24.47 -40.44 23.45
CA VAL A 374 -24.14 -39.97 24.80
C VAL A 374 -25.03 -38.77 25.14
N SER A 375 -25.52 -38.73 26.38
CA SER A 375 -26.40 -37.66 26.85
C SER A 375 -25.64 -36.36 27.16
N LYS A 376 -26.36 -35.33 27.59
CA LYS A 376 -25.76 -34.04 27.97
C LYS A 376 -24.67 -34.17 29.03
N GLU A 377 -24.95 -34.93 30.09
CA GLU A 377 -24.01 -35.10 31.20
C GLU A 377 -22.71 -35.78 30.76
N GLY A 378 -22.84 -36.77 29.88
CA GLY A 378 -21.70 -37.53 29.37
C GLY A 378 -20.77 -36.72 28.48
N ILE A 379 -21.36 -35.82 27.69
CA ILE A 379 -20.59 -34.89 26.85
C ILE A 379 -19.75 -33.96 27.72
N HIS A 380 -20.41 -33.32 28.70
CA HIS A 380 -19.75 -32.42 29.65
C HIS A 380 -18.77 -33.15 30.54
N HIS A 381 -19.03 -34.43 30.80
CA HIS A 381 -18.13 -35.29 31.55
C HIS A 381 -16.89 -35.61 30.76
N LEU A 382 -17.07 -35.89 29.47
CA LEU A 382 -15.96 -36.18 28.56
C LEU A 382 -15.06 -34.97 28.33
N PHE A 383 -15.65 -33.78 28.32
CA PHE A 383 -14.92 -32.53 28.17
C PHE A 383 -13.93 -32.32 29.32
N SER A 384 -14.36 -32.63 30.54
CA SER A 384 -13.51 -32.55 31.72
C SER A 384 -12.42 -33.60 31.70
N LEU A 385 -12.76 -34.81 31.25
CA LEU A 385 -11.80 -35.89 31.12
C LEU A 385 -10.70 -35.55 30.13
N ALA A 386 -11.09 -34.90 29.03
CA ALA A 386 -10.15 -34.49 27.98
C ALA A 386 -9.16 -33.42 28.48
N LYS A 387 -9.66 -32.45 29.25
CA LYS A 387 -8.82 -31.39 29.80
C LYS A 387 -7.86 -31.90 30.88
N SER A 388 -8.31 -32.91 31.63
CA SER A 388 -7.50 -33.55 32.67
C SER A 388 -6.30 -34.31 32.10
N ILE A 389 -6.41 -34.74 30.85
CA ILE A 389 -5.32 -35.40 30.13
C ILE A 389 -4.45 -34.37 29.41
N SER A 390 -5.10 -33.31 28.91
CA SER A 390 -4.40 -32.20 28.25
C SER A 390 -3.53 -31.43 29.23
N SER A 391 -4.11 -30.99 30.35
CA SER A 391 -3.40 -30.25 31.40
C SER A 391 -2.61 -31.19 32.32
N ARG A 392 -2.11 -32.29 31.74
CA ARG A 392 -1.22 -33.23 32.43
C ARG A 392 -0.22 -33.81 31.42
N GLU A 393 -0.28 -33.19 30.26
CA GLU A 393 0.56 -33.42 29.11
C GLU A 393 1.00 -31.97 28.88
N ASN A 394 2.21 -31.79 28.35
CA ASN A 394 2.89 -30.50 28.28
C ASN A 394 1.95 -29.50 27.64
N ASN A 395 1.72 -29.64 26.35
CA ASN A 395 0.75 -28.80 25.72
C ASN A 395 -0.44 -29.61 25.35
N ARG A 396 -0.19 -30.88 25.11
CA ARG A 396 -1.20 -31.90 25.16
C ARG A 396 -2.41 -32.44 24.45
N GLU A 397 -2.55 -32.08 23.19
CA GLU A 397 -3.76 -32.46 22.48
C GLU A 397 -4.44 -33.76 22.20
N ILE A 398 -5.75 -33.74 22.35
CA ILE A 398 -6.53 -34.93 22.39
C ILE A 398 -6.93 -35.29 21.00
N THR A 399 -6.47 -36.46 20.61
CA THR A 399 -6.78 -37.06 19.31
C THR A 399 -8.21 -37.61 19.30
N GLU A 400 -8.83 -37.63 18.13
CA GLU A 400 -10.19 -38.16 17.96
C GLU A 400 -10.31 -39.62 18.38
N ALA A 401 -9.34 -40.44 17.97
CA ALA A 401 -9.33 -41.88 18.25
C ALA A 401 -9.35 -42.20 19.75
N GLU A 402 -8.56 -41.47 20.53
CA GLU A 402 -8.49 -41.68 21.97
C GLU A 402 -9.72 -41.14 22.72
N LEU A 403 -10.33 -40.08 22.18
CA LEU A 403 -11.58 -39.55 22.73
C LEU A 403 -12.75 -40.49 22.43
N VAL A 404 -12.68 -41.15 21.27
CA VAL A 404 -13.62 -42.22 20.90
C VAL A 404 -13.43 -43.40 21.84
N ALA A 405 -12.16 -43.73 22.14
CA ALA A 405 -11.80 -44.80 23.05
C ALA A 405 -12.28 -44.55 24.49
N LEU A 406 -12.41 -43.28 24.86
CA LEU A 406 -12.89 -42.90 26.19
C LEU A 406 -14.42 -43.02 26.34
N SER A 407 -15.03 -43.88 25.52
CA SER A 407 -16.47 -44.14 25.60
C SER A 407 -16.80 -45.61 25.35
#